data_6BJV
#
_entry.id   6BJV
#
_cell.length_a   46.586
_cell.length_b   46.997
_cell.length_c   54.883
_cell.angle_alpha   109.440
_cell.angle_beta   111.110
_cell.angle_gamma   96.780
#
_symmetry.space_group_name_H-M   'P 1'
#
loop_
_entity.id
_entity.type
_entity.pdbx_description
1 polymer 'RNA silencing suppressor p19'
2 polymer "RNA (5'-R(P*UP*CP*GP*AP*AP*GP*UP*AP*UP*UP*CP*CP*GP*CP*GP*UP*AP*CP*GP*UP*U)-3')"
3 polymer "RNA (5'-R(P*CP*GP*UP*AP*CP*GP*CP*GP*GP*AP*AP*UP*AP*CP*UP*UP*CP*GP*AP*UP*U)-3')"
4 water water
#
loop_
_entity_poly.entity_id
_entity_poly.type
_entity_poly.pdbx_seq_one_letter_code
_entity_poly.pdbx_strand_id
1 'polypeptide(L)'
;MERAIQGNDTREQANGERWDGGSGGITSPFKLPDESPSWTEWRLYNDETNSNQDNPLGFKESWGFGKVVFKRYLRYDRTE
ASLHRVLGSWTGDSVNYAASRFLGANQVGCTYSIRFRGVSVTISGGSRTLQHLCEMAIRSKQELLQLTPVEVESNVSRGC
PEGIETFKKESE
;
A,B
2 'polyribonucleotide' UCGAAGUAUUCCGCGUACGUU C
3 'polyribonucleotide' CGUACGCGGAAUACUUCGAUU D
#
loop_
_chem_comp.id
_chem_comp.type
_chem_comp.name
_chem_comp.formula
A RNA linking ADENOSINE-5'-MONOPHOSPHATE 'C10 H14 N5 O7 P'
C RNA linking CYTIDINE-5'-MONOPHOSPHATE 'C9 H14 N3 O8 P'
G RNA linking GUANOSINE-5'-MONOPHOSPHATE 'C10 H14 N5 O8 P'
U RNA linking URIDINE-5'-MONOPHOSPHATE 'C9 H13 N2 O9 P'
#
# COMPACT_ATOMS: atom_id res chain seq x y z
N GLU A 2 27.15 5.09 -0.44
CA GLU A 2 28.48 4.70 -0.90
C GLU A 2 28.54 4.23 -2.35
N ARG A 3 27.92 3.11 -2.66
CA ARG A 3 27.14 2.32 -1.74
C ARG A 3 27.64 0.90 -1.74
N ALA A 4 28.84 0.64 -2.20
CA ALA A 4 29.93 1.52 -2.62
C ALA A 4 30.93 0.73 -3.46
N ILE A 5 31.75 1.43 -4.25
CA ILE A 5 31.70 2.88 -4.33
C ILE A 5 30.62 3.32 -5.32
N GLN A 6 30.29 2.46 -6.27
CA GLN A 6 29.24 2.74 -7.23
C GLN A 6 27.89 2.55 -6.54
N GLY A 7 27.22 3.66 -6.22
CA GLY A 7 25.97 3.57 -5.49
C GLY A 7 24.87 2.85 -6.25
N ASN A 8 24.85 2.98 -7.57
CA ASN A 8 23.82 2.37 -8.39
C ASN A 8 24.14 0.94 -8.81
N ASP A 9 25.39 0.50 -8.65
CA ASP A 9 25.75 -0.84 -9.08
C ASP A 9 25.19 -1.90 -8.13
N THR A 10 25.02 -1.58 -6.85
CA THR A 10 24.38 -2.52 -5.94
C THR A 10 22.90 -2.66 -6.26
N ARG A 11 22.25 -1.56 -6.66
CA ARG A 11 20.89 -1.64 -7.17
C ARG A 11 20.84 -2.51 -8.42
N GLU A 12 21.86 -2.41 -9.27
CA GLU A 12 21.91 -3.20 -10.49
C GLU A 12 22.00 -4.69 -10.18
N GLN A 13 22.75 -5.04 -9.13
CA GLN A 13 22.87 -6.45 -8.75
C GLN A 13 21.59 -6.96 -8.10
N ALA A 14 20.93 -6.12 -7.29
CA ALA A 14 19.71 -6.56 -6.62
C ALA A 14 18.62 -6.92 -7.62
N ASN A 15 18.54 -6.17 -8.73
CA ASN A 15 17.55 -6.48 -9.76
C ASN A 15 17.91 -7.78 -10.48
N GLY A 16 19.20 -8.05 -10.68
CA GLY A 16 19.62 -9.29 -11.27
C GLY A 16 19.46 -10.49 -10.35
N GLU A 17 19.32 -10.26 -9.05
CA GLU A 17 19.15 -11.36 -8.12
C GLU A 17 17.87 -12.14 -8.41
N ARG A 18 16.88 -11.50 -9.02
CA ARG A 18 15.64 -12.19 -9.38
C ARG A 18 15.91 -13.37 -10.30
N TRP A 19 16.87 -13.22 -11.22
CA TRP A 19 17.15 -14.23 -12.23
C TRP A 19 18.28 -15.17 -11.84
N ASP A 20 19.39 -14.63 -11.35
CA ASP A 20 20.50 -15.48 -10.95
C ASP A 20 20.26 -16.04 -9.54
N GLY A 21 21.22 -16.80 -9.04
CA GLY A 21 21.07 -17.48 -7.77
C GLY A 21 20.72 -16.59 -6.59
N GLY A 22 21.58 -15.62 -6.29
CA GLY A 22 22.78 -15.34 -7.06
C GLY A 22 23.87 -14.76 -6.20
N SER A 23 25.14 -14.91 -6.61
CA SER A 23 25.54 -15.23 -7.97
C SER A 23 27.04 -15.03 -8.14
N GLY A 24 27.63 -13.92 -7.67
CA GLY A 24 26.96 -12.79 -7.02
C GLY A 24 27.32 -12.64 -5.55
N GLY A 25 26.53 -13.24 -4.67
CA GLY A 25 26.70 -13.11 -3.24
C GLY A 25 25.77 -12.09 -2.62
N ILE A 26 25.01 -11.36 -3.44
CA ILE A 26 24.13 -10.32 -2.94
C ILE A 26 23.03 -10.96 -2.11
N THR A 27 22.95 -10.58 -0.84
CA THR A 27 21.95 -11.13 0.06
C THR A 27 20.56 -10.66 -0.36
N SER A 28 19.62 -11.59 -0.43
CA SER A 28 18.25 -11.25 -0.77
C SER A 28 17.34 -11.39 0.45
N PRO A 29 16.24 -10.63 0.52
CA PRO A 29 15.27 -10.82 1.60
C PRO A 29 14.33 -12.00 1.39
N PHE A 30 14.25 -12.54 0.18
CA PHE A 30 13.35 -13.63 -0.13
C PHE A 30 14.03 -14.97 0.12
N LYS A 31 13.22 -15.96 0.52
CA LYS A 31 13.70 -17.32 0.72
C LYS A 31 13.26 -18.28 -0.37
N LEU A 32 12.45 -17.82 -1.33
CA LEU A 32 12.01 -18.67 -2.42
C LEU A 32 12.53 -18.14 -3.75
N PRO A 33 12.87 -19.01 -4.70
CA PRO A 33 13.34 -18.53 -6.00
C PRO A 33 12.21 -17.89 -6.79
N ASP A 34 12.60 -17.27 -7.90
CA ASP A 34 11.63 -16.63 -8.79
C ASP A 34 10.94 -17.67 -9.65
N GLU A 35 9.64 -17.46 -9.89
CA GLU A 35 8.82 -18.39 -10.68
C GLU A 35 8.09 -17.65 -11.79
N SER A 36 8.71 -16.62 -12.35
CA SER A 36 8.07 -15.86 -13.42
C SER A 36 7.79 -16.77 -14.60
N PRO A 37 6.56 -16.80 -15.12
CA PRO A 37 6.29 -17.65 -16.29
C PRO A 37 6.89 -17.06 -17.55
N SER A 38 7.22 -17.95 -18.48
CA SER A 38 7.72 -17.51 -19.78
C SER A 38 6.62 -16.80 -20.55
N TRP A 39 7.01 -16.21 -21.69
CA TRP A 39 6.03 -15.54 -22.54
C TRP A 39 4.96 -16.51 -23.02
N THR A 40 5.39 -17.63 -23.60
CA THR A 40 4.43 -18.62 -24.09
C THR A 40 3.56 -19.16 -22.97
N GLU A 41 4.20 -19.61 -21.88
CA GLU A 41 3.45 -20.16 -20.75
C GLU A 41 2.43 -19.17 -20.22
N TRP A 42 2.71 -17.86 -20.36
CA TRP A 42 1.75 -16.85 -19.94
C TRP A 42 0.69 -16.61 -21.00
N ARG A 43 1.06 -16.72 -22.28
CA ARG A 43 0.08 -16.60 -23.35
C ARG A 43 -0.96 -17.72 -23.28
N LEU A 44 -0.53 -18.93 -22.93
CA LEU A 44 -1.41 -20.09 -22.93
C LEU A 44 -2.21 -20.24 -21.64
N TYR A 45 -1.68 -19.77 -20.50
CA TYR A 45 -2.47 -19.81 -19.28
C TYR A 45 -3.71 -18.93 -19.38
N ASN A 46 -3.67 -17.91 -20.24
CA ASN A 46 -4.82 -17.05 -20.47
C ASN A 46 -5.76 -17.61 -21.53
N ASP A 47 -5.85 -18.94 -21.66
CA ASP A 47 -6.72 -19.57 -22.64
C ASP A 47 -7.60 -20.67 -22.07
N GLU A 48 -7.37 -21.12 -20.83
CA GLU A 48 -8.25 -22.11 -20.22
C GLU A 48 -9.58 -21.47 -19.90
N THR A 49 -9.59 -20.55 -18.93
CA THR A 49 -10.75 -19.74 -18.61
C THR A 49 -10.48 -18.32 -19.07
N ASN A 50 -10.49 -18.15 -20.40
CA ASN A 50 -10.18 -16.87 -21.04
C ASN A 50 -10.69 -15.68 -20.24
N SER A 51 -9.77 -14.85 -19.76
CA SER A 51 -10.12 -13.71 -18.91
C SER A 51 -8.89 -12.81 -18.83
N ASN A 52 -8.92 -11.86 -17.89
CA ASN A 52 -7.81 -10.95 -17.66
C ASN A 52 -7.36 -10.85 -16.21
N GLN A 53 -8.24 -11.15 -15.24
CA GLN A 53 -7.87 -11.11 -13.83
C GLN A 53 -8.42 -12.30 -13.05
N ASP A 54 -8.92 -13.32 -13.72
CA ASP A 54 -9.42 -14.51 -13.02
C ASP A 54 -9.48 -15.71 -13.97
N ASN A 55 -8.76 -16.80 -13.71
CA ASN A 55 -7.86 -16.96 -12.57
C ASN A 55 -6.45 -16.47 -12.90
N PRO A 56 -5.70 -16.00 -11.88
CA PRO A 56 -4.31 -15.59 -12.13
C PRO A 56 -3.31 -16.70 -11.82
N LEU A 57 -2.20 -16.73 -12.56
CA LEU A 57 -1.20 -17.77 -12.36
C LEU A 57 -0.39 -17.55 -11.09
N GLY A 58 -0.29 -16.32 -10.61
CA GLY A 58 0.48 -16.05 -9.42
C GLY A 58 0.35 -14.60 -9.02
N PHE A 59 1.34 -14.13 -8.25
CA PHE A 59 1.38 -12.74 -7.80
C PHE A 59 2.81 -12.25 -7.84
N LYS A 60 2.96 -10.93 -7.81
CA LYS A 60 4.24 -10.27 -7.89
C LYS A 60 4.44 -9.44 -6.63
N GLU A 61 5.63 -9.54 -6.03
CA GLU A 61 5.94 -8.81 -4.81
C GLU A 61 7.37 -8.30 -4.88
N SER A 62 7.63 -7.22 -4.14
CA SER A 62 8.94 -6.58 -4.18
C SER A 62 9.28 -6.02 -2.80
N TRP A 63 10.58 -5.99 -2.51
CA TRP A 63 11.10 -5.35 -1.30
C TRP A 63 12.12 -4.30 -1.71
N GLY A 64 11.92 -3.07 -1.24
CA GLY A 64 12.83 -1.99 -1.53
C GLY A 64 13.48 -1.42 -0.28
N PHE A 65 14.81 -1.43 -0.23
CA PHE A 65 15.57 -0.78 0.84
C PHE A 65 16.35 0.35 0.18
N GLY A 66 15.80 1.55 0.25
CA GLY A 66 16.32 2.63 -0.58
C GLY A 66 16.09 2.29 -2.04
N LYS A 67 17.12 2.51 -2.85
CA LYS A 67 17.06 2.17 -4.27
C LYS A 67 17.53 0.75 -4.55
N VAL A 68 17.63 -0.10 -3.53
CA VAL A 68 18.04 -1.49 -3.68
C VAL A 68 16.76 -2.33 -3.64
N VAL A 69 16.27 -2.70 -4.82
CA VAL A 69 14.94 -3.28 -4.98
C VAL A 69 15.07 -4.75 -5.39
N PHE A 70 14.34 -5.61 -4.69
CA PHE A 70 14.24 -7.03 -5.02
C PHE A 70 12.81 -7.35 -5.45
N LYS A 71 12.67 -8.36 -6.29
CA LYS A 71 11.36 -8.71 -6.85
C LYS A 71 11.23 -10.22 -7.00
N ARG A 72 10.03 -10.72 -6.71
CA ARG A 72 9.71 -12.13 -6.87
C ARG A 72 8.34 -12.27 -7.50
N TYR A 73 8.18 -13.33 -8.31
CA TYR A 73 6.88 -13.74 -8.83
C TYR A 73 6.69 -15.20 -8.45
N LEU A 74 5.73 -15.48 -7.57
CA LEU A 74 5.47 -16.82 -7.09
C LEU A 74 4.12 -17.30 -7.62
N ARG A 75 4.02 -18.62 -7.83
CA ARG A 75 2.78 -19.21 -8.30
C ARG A 75 1.84 -19.45 -7.12
N TYR A 76 0.57 -19.19 -7.33
CA TYR A 76 -0.42 -19.25 -6.25
C TYR A 76 -1.76 -19.67 -6.82
N ASP A 77 -2.27 -20.81 -6.36
CA ASP A 77 -3.54 -21.35 -6.83
C ASP A 77 -4.63 -21.29 -5.78
N ARG A 78 -4.41 -20.52 -4.71
CA ARG A 78 -5.44 -20.25 -3.70
C ARG A 78 -5.82 -21.50 -2.92
N THR A 79 -4.92 -22.48 -2.83
CA THR A 79 -5.11 -23.61 -1.95
C THR A 79 -4.31 -23.42 -0.67
N GLU A 80 -4.80 -24.01 0.42
CA GLU A 80 -4.10 -23.89 1.70
C GLU A 80 -2.65 -24.33 1.58
N ALA A 81 -2.40 -25.42 0.84
CA ALA A 81 -1.03 -25.89 0.68
C ALA A 81 -0.17 -24.85 -0.04
N SER A 82 -0.75 -24.16 -1.02
CA SER A 82 0.00 -23.16 -1.77
C SER A 82 0.08 -21.82 -1.04
N LEU A 83 -0.77 -21.60 -0.03
CA LEU A 83 -0.71 -20.36 0.72
C LEU A 83 0.41 -20.40 1.77
N HIS A 84 0.53 -21.51 2.49
CA HIS A 84 1.60 -21.64 3.47
C HIS A 84 2.96 -21.45 2.83
N ARG A 85 3.14 -21.95 1.60
CA ARG A 85 4.43 -21.83 0.93
C ARG A 85 4.74 -20.38 0.58
N VAL A 86 3.83 -19.73 -0.14
CA VAL A 86 4.06 -18.35 -0.56
C VAL A 86 4.25 -17.44 0.64
N LEU A 87 3.55 -17.73 1.74
CA LEU A 87 3.79 -16.98 2.98
C LEU A 87 5.20 -17.16 3.49
N GLY A 88 5.87 -18.25 3.11
CA GLY A 88 7.27 -18.43 3.41
C GLY A 88 8.22 -17.74 2.45
N SER A 89 7.69 -16.93 1.53
CA SER A 89 8.54 -16.20 0.59
C SER A 89 9.57 -15.35 1.31
N TRP A 90 9.21 -14.80 2.47
CA TRP A 90 10.13 -14.02 3.28
C TRP A 90 9.58 -13.96 4.69
N THR A 91 10.48 -14.02 5.67
CA THR A 91 10.13 -13.89 7.07
C THR A 91 10.70 -12.58 7.62
N GLY A 92 10.43 -12.33 8.90
CA GLY A 92 10.92 -11.10 9.51
C GLY A 92 12.44 -11.04 9.57
N ASP A 93 13.07 -12.18 9.82
CA ASP A 93 14.54 -12.20 9.92
C ASP A 93 15.18 -12.04 8.55
N SER A 94 14.59 -12.64 7.51
CA SER A 94 15.18 -12.57 6.18
C SER A 94 15.19 -11.14 5.65
N VAL A 95 14.20 -10.35 6.01
CA VAL A 95 14.16 -8.96 5.57
C VAL A 95 15.09 -8.09 6.40
N ASN A 96 15.08 -8.28 7.72
CA ASN A 96 16.03 -7.55 8.57
C ASN A 96 17.47 -7.91 8.21
N TYR A 97 17.74 -9.21 8.03
CA TYR A 97 19.07 -9.65 7.61
C TYR A 97 19.48 -8.95 6.32
N ALA A 98 18.61 -8.99 5.30
CA ALA A 98 18.91 -8.29 4.05
C ALA A 98 18.94 -6.78 4.25
N ALA A 99 18.08 -6.26 5.11
CA ALA A 99 18.05 -4.81 5.35
C ALA A 99 19.35 -4.34 5.95
N SER A 100 19.92 -5.10 6.89
CA SER A 100 21.18 -4.73 7.53
C SER A 100 22.32 -4.60 6.52
N ARG A 101 22.14 -5.05 5.29
CA ARG A 101 23.20 -5.06 4.29
C ARG A 101 23.24 -3.81 3.44
N PHE A 102 22.17 -3.02 3.43
CA PHE A 102 22.08 -1.85 2.55
C PHE A 102 21.62 -0.59 3.29
N LEU A 103 21.53 -0.62 4.61
CA LEU A 103 21.06 0.50 5.39
C LEU A 103 22.17 1.00 6.31
N GLY A 104 22.27 2.32 6.43
CA GLY A 104 23.26 2.94 7.28
C GLY A 104 22.63 3.67 8.46
N ALA A 105 23.22 4.80 8.84
CA ALA A 105 22.68 5.62 9.92
C ALA A 105 21.60 6.58 9.42
N ASN A 106 21.81 7.20 8.27
CA ASN A 106 20.81 8.10 7.71
C ASN A 106 19.62 7.30 7.18
N GLN A 107 18.42 7.70 7.59
CA GLN A 107 17.23 6.96 7.22
C GLN A 107 16.92 7.15 5.74
N VAL A 108 16.43 6.07 5.11
CA VAL A 108 16.04 6.07 3.71
C VAL A 108 14.61 5.53 3.60
N GLY A 109 14.10 5.51 2.38
CA GLY A 109 12.75 5.02 2.14
C GLY A 109 12.71 3.54 1.84
N CYS A 110 11.94 2.79 2.64
CA CYS A 110 11.77 1.36 2.44
C CYS A 110 10.33 1.06 2.07
N THR A 111 10.14 0.01 1.28
CA THR A 111 8.83 -0.31 0.74
C THR A 111 8.66 -1.82 0.61
N TYR A 112 7.41 -2.27 0.74
CA TYR A 112 7.01 -3.61 0.35
C TYR A 112 5.77 -3.49 -0.52
N SER A 113 5.77 -4.19 -1.65
CA SER A 113 4.66 -4.13 -2.59
C SER A 113 4.27 -5.54 -3.02
N ILE A 114 2.98 -5.70 -3.34
CA ILE A 114 2.48 -6.96 -3.84
C ILE A 114 1.24 -6.70 -4.69
N ARG A 115 1.21 -7.26 -5.91
CA ARG A 115 0.08 -7.12 -6.81
C ARG A 115 -0.59 -8.48 -7.00
N PHE A 116 -1.91 -8.51 -6.85
CA PHE A 116 -2.67 -9.76 -6.98
C PHE A 116 -4.08 -9.42 -7.43
N ARG A 117 -4.50 -10.02 -8.54
CA ARG A 117 -5.84 -9.81 -9.09
C ARG A 117 -6.08 -8.33 -9.39
N GLY A 118 -5.09 -7.68 -9.99
CA GLY A 118 -5.21 -6.28 -10.35
C GLY A 118 -5.32 -5.36 -9.15
N VAL A 119 -5.02 -5.88 -7.96
CA VAL A 119 -5.00 -5.09 -6.72
C VAL A 119 -3.57 -5.05 -6.22
N SER A 120 -3.05 -3.84 -6.02
CA SER A 120 -1.71 -3.63 -5.49
C SER A 120 -1.80 -3.04 -4.10
N VAL A 121 -1.04 -3.62 -3.17
CA VAL A 121 -0.93 -3.14 -1.80
C VAL A 121 0.53 -2.82 -1.54
N THR A 122 0.80 -1.62 -1.03
CA THR A 122 2.15 -1.17 -0.76
C THR A 122 2.26 -0.66 0.66
N ILE A 123 3.34 -1.04 1.34
CA ILE A 123 3.64 -0.63 2.70
C ILE A 123 4.95 0.15 2.65
N SER A 124 4.89 1.43 2.98
CA SER A 124 6.05 2.31 2.88
C SER A 124 6.31 3.02 4.21
N GLY A 125 7.57 3.36 4.42
CA GLY A 125 7.96 4.09 5.62
C GLY A 125 9.47 4.18 5.69
N GLY A 126 9.92 5.02 6.62
CA GLY A 126 11.34 5.18 6.82
C GLY A 126 11.99 3.92 7.33
N SER A 127 13.27 3.73 6.96
CA SER A 127 13.99 2.52 7.34
C SER A 127 14.04 2.32 8.85
N ARG A 128 13.74 3.35 9.64
CA ARG A 128 13.71 3.20 11.09
C ARG A 128 12.44 2.51 11.57
N THR A 129 11.41 2.41 10.74
CA THR A 129 10.19 1.71 11.08
C THR A 129 10.08 0.37 10.36
N LEU A 130 11.21 -0.18 9.91
CA LEU A 130 11.17 -1.42 9.13
C LEU A 130 10.50 -2.54 9.92
N GLN A 131 10.92 -2.73 11.18
CA GLN A 131 10.29 -3.75 12.02
C GLN A 131 8.78 -3.62 12.01
N HIS A 132 8.26 -2.40 11.86
CA HIS A 132 6.82 -2.19 11.84
C HIS A 132 6.23 -2.47 10.46
N LEU A 133 6.94 -2.08 9.39
CA LEU A 133 6.49 -2.40 8.05
C LEU A 133 6.33 -3.91 7.87
N CYS A 134 7.24 -4.68 8.48
CA CYS A 134 7.19 -6.13 8.33
C CYS A 134 5.89 -6.70 8.88
N GLU A 135 5.66 -6.54 10.18
CA GLU A 135 4.43 -7.04 10.80
C GLU A 135 3.20 -6.57 10.03
N MET A 136 3.23 -5.33 9.53
CA MET A 136 2.12 -4.82 8.75
C MET A 136 2.10 -5.37 7.33
N ALA A 137 3.28 -5.69 6.78
CA ALA A 137 3.35 -6.17 5.42
C ALA A 137 3.06 -7.67 5.33
N ILE A 138 3.53 -8.45 6.31
CA ILE A 138 3.37 -9.90 6.24
C ILE A 138 1.89 -10.27 6.26
N ARG A 139 1.10 -9.60 7.10
CA ARG A 139 -0.31 -9.93 7.20
C ARG A 139 -1.15 -9.20 6.15
N SER A 140 -0.74 -7.99 5.74
CA SER A 140 -1.35 -7.38 4.56
C SER A 140 -1.23 -8.30 3.36
N LYS A 141 -0.13 -9.05 3.27
CA LYS A 141 0.01 -10.07 2.23
C LYS A 141 -0.99 -11.20 2.43
N GLN A 142 -1.37 -11.47 3.67
CA GLN A 142 -2.30 -12.56 3.95
C GLN A 142 -3.70 -12.24 3.46
N GLU A 143 -4.22 -11.06 3.80
CA GLU A 143 -5.58 -10.70 3.43
C GLU A 143 -5.73 -10.59 1.92
N LEU A 144 -4.72 -10.03 1.24
CA LEU A 144 -4.80 -9.90 -0.22
C LEU A 144 -4.99 -11.25 -0.88
N LEU A 145 -4.33 -12.29 -0.36
CA LEU A 145 -4.41 -13.63 -0.94
C LEU A 145 -5.53 -14.47 -0.33
N GLN A 146 -6.30 -13.91 0.60
CA GLN A 146 -7.41 -14.61 1.23
C GLN A 146 -8.69 -13.81 1.00
N LEU A 147 -9.10 -13.72 -0.27
CA LEU A 147 -10.33 -13.02 -0.63
C LEU A 147 -10.94 -13.72 -1.84
N THR A 148 -12.08 -13.23 -2.27
CA THR A 148 -12.83 -13.79 -3.39
C THR A 148 -13.45 -12.68 -4.19
N PRO A 149 -13.74 -12.90 -5.48
CA PRO A 149 -14.36 -11.91 -6.36
C PRO A 149 -15.83 -11.68 -6.05
N ARG B 3 -13.61 14.33 -20.40
CA ARG B 3 -12.71 15.48 -20.28
C ARG B 3 -13.16 16.41 -19.17
N ALA B 4 -14.44 16.78 -19.18
CA ALA B 4 -15.00 17.53 -18.06
C ALA B 4 -14.77 16.77 -16.75
N ILE B 5 -15.21 15.51 -16.71
CA ILE B 5 -14.83 14.63 -15.61
C ILE B 5 -13.31 14.46 -15.62
N GLN B 6 -12.74 14.23 -14.44
CA GLN B 6 -11.29 14.05 -14.30
C GLN B 6 -10.52 15.31 -14.64
N GLY B 7 -11.20 16.40 -15.00
CA GLY B 7 -10.50 17.61 -15.37
C GLY B 7 -9.84 18.27 -14.17
N ASN B 8 -8.78 19.02 -14.44
CA ASN B 8 -8.12 19.78 -13.38
C ASN B 8 -9.07 20.75 -12.71
N ASP B 9 -10.18 21.11 -13.37
CA ASP B 9 -11.18 21.97 -12.74
C ASP B 9 -11.94 21.24 -11.63
N THR B 10 -11.86 19.92 -11.57
CA THR B 10 -12.55 19.13 -10.57
C THR B 10 -11.64 18.64 -9.45
N ARG B 11 -10.40 18.29 -9.76
CA ARG B 11 -9.47 17.89 -8.70
C ARG B 11 -9.17 19.07 -7.77
N GLU B 12 -9.06 20.27 -8.34
CA GLU B 12 -8.87 21.46 -7.50
C GLU B 12 -9.99 21.60 -6.49
N GLN B 13 -11.23 21.33 -6.92
CA GLN B 13 -12.34 21.36 -5.98
C GLN B 13 -12.29 20.18 -5.02
N ALA B 14 -11.80 19.03 -5.48
CA ALA B 14 -11.63 17.89 -4.58
C ALA B 14 -10.56 18.17 -3.53
N ASN B 15 -9.48 18.84 -3.93
CA ASN B 15 -8.45 19.22 -2.97
C ASN B 15 -8.99 20.25 -1.98
N GLY B 16 -9.71 21.26 -2.48
CA GLY B 16 -10.32 22.25 -1.60
C GLY B 16 -11.48 21.71 -0.80
N GLU B 17 -12.09 20.61 -1.23
CA GLU B 17 -13.20 20.02 -0.49
C GLU B 17 -12.80 19.68 0.94
N ARG B 18 -11.54 19.28 1.14
CA ARG B 18 -11.05 18.99 2.48
C ARG B 18 -11.26 20.18 3.41
N TRP B 19 -11.09 21.39 2.90
CA TRP B 19 -11.07 22.59 3.73
C TRP B 19 -12.46 23.20 3.84
N ASP B 20 -13.37 22.42 4.44
CA ASP B 20 -14.74 22.86 4.68
C ASP B 20 -15.21 22.26 5.99
N GLY B 21 -16.39 22.70 6.43
CA GLY B 21 -16.92 22.29 7.72
C GLY B 21 -17.53 20.91 7.69
N GLY B 22 -18.70 20.77 7.07
CA GLY B 22 -19.35 19.49 6.89
C GLY B 22 -19.93 19.36 5.50
N SER B 23 -19.49 20.22 4.58
CA SER B 23 -20.04 20.25 3.24
C SER B 23 -19.26 21.19 2.33
N GLY B 24 -18.72 20.65 1.24
CA GLY B 24 -18.08 21.46 0.21
C GLY B 24 -18.78 21.31 -1.12
N GLY B 25 -18.63 22.30 -1.99
CA GLY B 25 -19.41 22.39 -3.22
C GLY B 25 -19.63 21.11 -4.01
N ILE B 26 -18.82 20.07 -3.79
CA ILE B 26 -18.89 18.87 -4.61
C ILE B 26 -19.14 17.64 -3.75
N THR B 27 -19.26 16.48 -4.41
CA THR B 27 -19.49 15.22 -3.72
C THR B 27 -18.17 14.62 -3.27
N SER B 28 -18.15 14.13 -2.03
CA SER B 28 -16.93 13.60 -1.43
C SER B 28 -17.13 12.15 -0.99
N PRO B 29 -16.05 11.35 -0.98
CA PRO B 29 -16.19 9.96 -0.50
C PRO B 29 -16.33 9.87 1.01
N PHE B 30 -15.89 10.87 1.76
CA PHE B 30 -15.85 10.78 3.21
C PHE B 30 -17.17 11.22 3.83
N LYS B 31 -17.49 10.62 4.97
CA LYS B 31 -18.70 10.96 5.72
C LYS B 31 -18.41 11.78 6.96
N LEU B 32 -17.14 12.00 7.29
CA LEU B 32 -16.75 12.78 8.46
C LEU B 32 -16.00 14.02 8.03
N PRO B 33 -15.97 15.06 8.87
CA PRO B 33 -15.23 16.27 8.53
C PRO B 33 -13.75 16.15 8.83
N ASP B 34 -12.96 16.96 8.11
CA ASP B 34 -11.54 17.04 8.38
C ASP B 34 -11.31 17.77 9.70
N GLU B 35 -10.44 17.21 10.54
CA GLU B 35 -10.09 17.78 11.83
C GLU B 35 -8.58 17.98 11.92
N SER B 36 -8.00 18.47 10.83
CA SER B 36 -6.57 18.72 10.80
C SER B 36 -6.20 19.75 11.87
N PRO B 37 -5.08 19.57 12.56
CA PRO B 37 -4.70 20.54 13.60
C PRO B 37 -3.98 21.74 13.01
N SER B 38 -4.18 22.88 13.68
CA SER B 38 -3.44 24.08 13.30
C SER B 38 -1.95 23.88 13.56
N TRP B 39 -1.14 24.76 12.96
CA TRP B 39 0.30 24.69 13.16
C TRP B 39 0.65 24.76 14.65
N THR B 40 0.04 25.71 15.37
CA THR B 40 0.35 25.87 16.79
C THR B 40 -0.08 24.63 17.58
N GLU B 41 -1.31 24.17 17.37
CA GLU B 41 -1.78 22.98 18.08
C GLU B 41 -0.91 21.76 17.78
N TRP B 42 -0.30 21.73 16.60
CA TRP B 42 0.62 20.64 16.27
C TRP B 42 1.99 20.87 16.90
N ARG B 43 2.49 22.09 16.83
CA ARG B 43 3.76 22.42 17.48
C ARG B 43 3.69 22.14 18.97
N LEU B 44 2.62 22.58 19.59
CA LEU B 44 2.49 22.30 20.98
C LEU B 44 2.41 20.83 21.18
N TYR B 45 2.65 20.05 20.14
CA TYR B 45 2.56 18.62 20.25
C TYR B 45 3.94 18.10 20.35
N ASN B 46 4.67 18.78 21.21
CA ASN B 46 5.98 18.38 21.56
C ASN B 46 5.85 18.37 23.06
N ASP B 47 4.73 17.87 23.60
CA ASP B 47 4.71 17.88 25.06
C ASP B 47 4.99 16.47 25.57
N GLU B 48 6.17 16.28 26.15
CA GLU B 48 6.57 15.08 26.87
C GLU B 48 7.00 13.94 25.97
N THR B 49 6.97 14.10 24.64
CA THR B 49 7.31 13.01 23.73
C THR B 49 7.86 13.58 22.44
N ASN B 50 8.29 12.70 21.55
CA ASN B 50 8.53 13.07 20.17
C ASN B 50 7.19 13.41 19.51
N SER B 51 7.25 14.23 18.46
CA SER B 51 6.05 14.84 17.90
C SER B 51 5.44 14.05 16.75
N ASN B 52 5.95 12.86 16.43
CA ASN B 52 5.47 12.16 15.23
C ASN B 52 5.39 10.65 15.35
N GLN B 53 6.19 9.99 16.19
CA GLN B 53 6.36 8.54 16.08
C GLN B 53 5.34 7.75 16.89
N ASP B 54 5.34 7.92 18.20
CA ASP B 54 4.58 7.01 19.08
C ASP B 54 3.09 7.35 19.08
N ASN B 55 2.71 8.41 19.78
CA ASN B 55 1.30 8.77 19.91
C ASN B 55 1.00 10.07 19.16
N PRO B 56 0.74 10.00 17.86
CA PRO B 56 0.40 11.21 17.11
C PRO B 56 -1.04 11.65 17.40
N LEU B 57 -1.37 12.82 16.88
CA LEU B 57 -2.70 13.38 17.09
C LEU B 57 -3.75 12.74 16.18
N GLY B 58 -3.35 11.91 15.22
CA GLY B 58 -4.31 11.26 14.35
C GLY B 58 -3.61 10.61 13.18
N PHE B 59 -4.39 10.36 12.13
CA PHE B 59 -3.88 9.74 10.91
C PHE B 59 -4.41 10.50 9.70
N LYS B 60 -3.73 10.31 8.57
CA LYS B 60 -4.06 10.96 7.32
C LYS B 60 -4.44 9.90 6.31
N GLU B 61 -5.60 10.05 5.68
CA GLU B 61 -6.07 9.10 4.69
C GLU B 61 -6.50 9.84 3.43
N SER B 62 -6.42 9.15 2.30
CA SER B 62 -6.65 9.76 0.99
C SER B 62 -7.40 8.78 0.09
N TRP B 63 -8.34 9.32 -0.70
CA TRP B 63 -9.05 8.58 -1.73
C TRP B 63 -8.85 9.28 -3.05
N GLY B 64 -8.40 8.52 -4.05
CA GLY B 64 -8.18 9.07 -5.38
C GLY B 64 -8.88 8.28 -6.47
N PHE B 65 -9.62 8.97 -7.32
CA PHE B 65 -10.24 8.37 -8.50
C PHE B 65 -9.65 9.08 -9.71
N GLY B 66 -8.62 8.48 -10.31
CA GLY B 66 -7.86 9.19 -11.32
C GLY B 66 -7.07 10.32 -10.69
N LYS B 67 -7.09 11.48 -11.34
CA LYS B 67 -6.42 12.67 -10.82
C LYS B 67 -7.33 13.47 -9.88
N VAL B 68 -8.39 12.85 -9.36
CA VAL B 68 -9.34 13.51 -8.47
C VAL B 68 -9.12 12.91 -7.08
N VAL B 69 -8.47 13.66 -6.20
CA VAL B 69 -8.00 13.16 -4.91
C VAL B 69 -8.71 13.91 -3.79
N PHE B 70 -9.25 13.14 -2.84
CA PHE B 70 -9.82 13.67 -1.61
C PHE B 70 -8.92 13.28 -0.44
N LYS B 71 -8.79 14.18 0.53
CA LYS B 71 -7.91 13.97 1.67
C LYS B 71 -8.62 14.29 2.97
N ARG B 72 -8.18 13.65 4.04
CA ARG B 72 -8.76 13.83 5.36
C ARG B 72 -7.71 13.56 6.43
N TYR B 73 -7.71 14.37 7.48
CA TYR B 73 -6.95 14.11 8.69
C TYR B 73 -7.94 13.93 9.83
N LEU B 74 -7.94 12.74 10.42
CA LEU B 74 -8.83 12.42 11.54
C LEU B 74 -8.02 12.11 12.78
N ARG B 75 -8.54 12.51 13.93
CA ARG B 75 -7.87 12.30 15.20
C ARG B 75 -8.28 10.96 15.79
N TYR B 76 -7.29 10.17 16.19
CA TYR B 76 -7.50 8.79 16.64
C TYR B 76 -6.80 8.62 17.98
N ASP B 77 -7.59 8.49 19.04
CA ASP B 77 -7.07 8.44 20.40
C ASP B 77 -6.63 7.04 20.83
N ARG B 78 -6.47 6.11 19.88
CA ARG B 78 -6.01 4.75 20.17
C ARG B 78 -6.98 3.97 21.05
N THR B 79 -8.24 4.37 21.09
CA THR B 79 -9.25 3.68 21.90
C THR B 79 -10.26 3.00 20.99
N GLU B 80 -10.90 1.97 21.53
CA GLU B 80 -11.96 1.27 20.79
C GLU B 80 -13.05 2.24 20.35
N ALA B 81 -13.42 3.17 21.24
CA ALA B 81 -14.47 4.13 20.91
C ALA B 81 -14.04 5.03 19.76
N SER B 82 -12.81 5.55 19.82
CA SER B 82 -12.30 6.39 18.73
C SER B 82 -12.08 5.59 17.46
N LEU B 83 -11.76 4.30 17.59
CA LEU B 83 -11.62 3.44 16.42
C LEU B 83 -12.94 3.33 15.67
N HIS B 84 -14.01 2.96 16.38
CA HIS B 84 -15.33 2.89 15.77
C HIS B 84 -15.70 4.22 15.10
N ARG B 85 -15.21 5.33 15.64
CA ARG B 85 -15.53 6.64 15.08
C ARG B 85 -14.81 6.86 13.77
N VAL B 86 -13.54 6.47 13.68
CA VAL B 86 -12.75 6.71 12.48
C VAL B 86 -12.98 5.66 11.40
N LEU B 87 -13.42 4.45 11.78
CA LEU B 87 -13.71 3.44 10.77
C LEU B 87 -14.88 3.85 9.89
N GLY B 88 -15.80 4.64 10.42
CA GLY B 88 -16.92 5.13 9.65
C GLY B 88 -16.64 6.36 8.82
N SER B 89 -15.37 6.77 8.69
CA SER B 89 -15.05 7.95 7.89
C SER B 89 -15.45 7.76 6.43
N TRP B 90 -15.48 6.51 5.96
CA TRP B 90 -15.98 6.20 4.63
C TRP B 90 -16.49 4.77 4.65
N THR B 91 -17.25 4.41 3.62
CA THR B 91 -17.79 3.07 3.51
C THR B 91 -17.93 2.72 2.04
N GLY B 92 -18.33 1.48 1.78
CA GLY B 92 -18.48 1.02 0.41
C GLY B 92 -19.39 1.91 -0.41
N ASP B 93 -20.54 2.29 0.16
CA ASP B 93 -21.50 3.08 -0.59
C ASP B 93 -20.98 4.50 -0.84
N SER B 94 -20.34 5.10 0.16
CA SER B 94 -19.87 6.48 0.01
C SER B 94 -18.79 6.58 -1.06
N VAL B 95 -17.91 5.59 -1.14
CA VAL B 95 -16.84 5.62 -2.13
C VAL B 95 -17.41 5.42 -3.53
N ASN B 96 -18.15 4.32 -3.73
CA ASN B 96 -18.75 4.07 -5.03
C ASN B 96 -19.61 5.23 -5.48
N TYR B 97 -20.44 5.77 -4.58
CA TYR B 97 -21.25 6.93 -4.91
C TYR B 97 -20.39 8.08 -5.40
N ALA B 98 -19.34 8.42 -4.64
CA ALA B 98 -18.41 9.45 -5.07
C ALA B 98 -17.69 9.03 -6.35
N ALA B 99 -17.22 7.79 -6.40
CA ALA B 99 -16.48 7.32 -7.57
C ALA B 99 -17.35 7.37 -8.82
N SER B 100 -18.63 7.04 -8.69
CA SER B 100 -19.54 7.12 -9.84
C SER B 100 -19.59 8.53 -10.41
N ARG B 101 -19.20 9.53 -9.62
CA ARG B 101 -19.21 10.92 -10.05
C ARG B 101 -17.93 11.33 -10.75
N PHE B 102 -16.97 10.43 -10.91
CA PHE B 102 -15.72 10.77 -11.59
C PHE B 102 -15.16 9.65 -12.44
N LEU B 103 -15.84 8.52 -12.56
CA LEU B 103 -15.40 7.39 -13.36
C LEU B 103 -16.33 7.19 -14.55
N GLY B 104 -16.06 6.15 -15.31
CA GLY B 104 -16.78 5.86 -16.53
C GLY B 104 -15.90 6.02 -17.75
N ALA B 105 -16.40 5.48 -18.87
CA ALA B 105 -15.68 5.50 -20.15
C ALA B 105 -14.37 4.75 -19.95
N ASN B 106 -13.21 5.36 -20.20
CA ASN B 106 -11.95 4.66 -20.08
C ASN B 106 -11.57 4.48 -18.61
N GLN B 107 -11.06 3.29 -18.29
CA GLN B 107 -10.63 3.00 -16.92
C GLN B 107 -9.41 3.84 -16.56
N VAL B 108 -9.35 4.23 -15.29
CA VAL B 108 -8.26 5.05 -14.76
C VAL B 108 -7.74 4.41 -13.48
N GLY B 109 -6.75 5.05 -12.87
CA GLY B 109 -6.13 4.55 -11.66
C GLY B 109 -6.80 5.11 -10.42
N CYS B 110 -7.14 4.20 -9.50
CA CYS B 110 -7.75 4.59 -8.23
C CYS B 110 -6.83 4.16 -7.09
N THR B 111 -6.83 4.96 -6.02
CA THR B 111 -5.93 4.72 -4.90
C THR B 111 -6.62 5.10 -3.60
N TYR B 112 -6.39 4.30 -2.57
CA TYR B 112 -6.64 4.68 -1.18
C TYR B 112 -5.33 4.59 -0.43
N SER B 113 -5.01 5.63 0.34
CA SER B 113 -3.78 5.70 1.09
C SER B 113 -4.07 6.15 2.51
N ILE B 114 -3.29 5.63 3.46
CA ILE B 114 -3.45 5.96 4.86
C ILE B 114 -2.07 5.92 5.52
N ARG B 115 -1.80 6.94 6.34
CA ARG B 115 -0.51 7.09 7.02
C ARG B 115 -0.75 7.21 8.52
N PHE B 116 -0.01 6.43 9.30
CA PHE B 116 -0.20 6.39 10.74
C PHE B 116 1.03 5.79 11.39
N ARG B 117 1.62 6.50 12.36
CA ARG B 117 2.78 6.02 13.10
C ARG B 117 4.02 5.89 12.20
N GLY B 118 4.12 6.74 11.18
CA GLY B 118 5.22 6.63 10.24
C GLY B 118 5.13 5.46 9.29
N VAL B 119 3.98 4.81 9.21
CA VAL B 119 3.76 3.67 8.32
C VAL B 119 2.67 4.06 7.34
N SER B 120 2.98 3.96 6.05
CA SER B 120 2.02 4.28 4.98
C SER B 120 1.52 2.99 4.34
N VAL B 121 0.23 2.96 4.04
CA VAL B 121 -0.40 1.83 3.37
C VAL B 121 -1.23 2.37 2.22
N THR B 122 -1.01 1.83 1.02
CA THR B 122 -1.69 2.28 -0.18
C THR B 122 -2.26 1.08 -0.92
N ILE B 123 -3.54 1.17 -1.30
CA ILE B 123 -4.21 0.16 -2.12
C ILE B 123 -4.47 0.79 -3.47
N SER B 124 -3.92 0.19 -4.53
CA SER B 124 -3.97 0.74 -5.87
C SER B 124 -4.54 -0.29 -6.83
N GLY B 125 -5.30 0.18 -7.80
CA GLY B 125 -5.87 -0.69 -8.82
C GLY B 125 -6.66 0.11 -9.82
N GLY B 126 -7.29 -0.61 -10.75
CA GLY B 126 -8.07 0.02 -11.79
C GLY B 126 -9.49 0.32 -11.35
N SER B 127 -10.12 1.24 -12.08
CA SER B 127 -11.49 1.64 -11.77
C SER B 127 -12.44 0.45 -11.66
N ARG B 128 -12.21 -0.59 -12.46
CA ARG B 128 -13.10 -1.75 -12.44
C ARG B 128 -12.87 -2.64 -11.24
N THR B 129 -11.74 -2.48 -10.54
CA THR B 129 -11.46 -3.21 -9.31
C THR B 129 -11.82 -2.41 -8.07
N LEU B 130 -12.49 -1.27 -8.23
CA LEU B 130 -12.83 -0.43 -7.08
C LEU B 130 -13.59 -1.20 -6.02
N GLN B 131 -14.42 -2.17 -6.43
CA GLN B 131 -15.10 -3.02 -5.47
C GLN B 131 -14.09 -3.74 -4.58
N HIS B 132 -13.01 -4.23 -5.17
CA HIS B 132 -12.01 -5.00 -4.42
C HIS B 132 -11.08 -4.09 -3.62
N LEU B 133 -10.82 -2.87 -4.11
CA LEU B 133 -9.98 -1.94 -3.35
C LEU B 133 -10.65 -1.56 -2.04
N CYS B 134 -11.93 -1.20 -2.09
CA CYS B 134 -12.65 -0.80 -0.88
C CYS B 134 -12.61 -1.90 0.17
N GLU B 135 -13.01 -3.11 -0.21
CA GLU B 135 -13.05 -4.21 0.75
C GLU B 135 -11.67 -4.49 1.32
N MET B 136 -10.61 -4.17 0.58
CA MET B 136 -9.25 -4.30 1.11
C MET B 136 -8.80 -3.06 1.85
N ALA B 137 -9.27 -1.87 1.43
CA ALA B 137 -8.91 -0.65 2.15
C ALA B 137 -9.46 -0.65 3.57
N ILE B 138 -10.62 -1.27 3.78
CA ILE B 138 -11.21 -1.26 5.12
C ILE B 138 -10.43 -2.14 6.08
N ARG B 139 -10.01 -3.32 5.63
CA ARG B 139 -9.25 -4.22 6.49
C ARG B 139 -7.86 -3.65 6.76
N SER B 140 -7.18 -3.17 5.72
CA SER B 140 -5.88 -2.55 5.90
C SER B 140 -5.97 -1.42 6.90
N LYS B 141 -6.94 -0.52 6.72
CA LYS B 141 -7.11 0.60 7.65
C LYS B 141 -7.35 0.09 9.07
N GLN B 142 -8.25 -0.88 9.22
CA GLN B 142 -8.56 -1.39 10.55
C GLN B 142 -7.32 -1.97 11.22
N GLU B 143 -6.44 -2.60 10.43
CA GLU B 143 -5.25 -3.21 11.01
C GLU B 143 -4.21 -2.17 11.38
N LEU B 144 -3.93 -1.24 10.46
CA LEU B 144 -2.94 -0.19 10.73
C LEU B 144 -3.23 0.52 12.04
N LEU B 145 -4.51 0.70 12.37
CA LEU B 145 -4.91 1.44 13.55
C LEU B 145 -4.95 0.57 14.82
N GLN B 146 -4.86 -0.76 14.68
CA GLN B 146 -4.90 -1.65 15.82
C GLN B 146 -3.60 -2.42 16.02
N LEU B 147 -2.51 -1.95 15.41
CA LEU B 147 -1.20 -2.55 15.59
C LEU B 147 -0.42 -1.80 16.65
N THR B 148 0.34 -2.54 17.45
CA THR B 148 1.21 -1.95 18.47
C THR B 148 2.49 -2.77 18.63
#